data_1QSM
#
_entry.id   1QSM
#
_cell.length_a   145.600
_cell.length_b   184.100
_cell.length_c   70.000
_cell.angle_alpha   90.00
_cell.angle_beta   90.00
_cell.angle_gamma   90.00
#
_symmetry.space_group_name_H-M   'C 2 2 21'
#
loop_
_entity.id
_entity.type
_entity.pdbx_description
1 polymer 'HPA2 HISTONE ACETYLTRANSFERASE'
2 non-polymer 'ACETYL COENZYME *A'
3 water water
#
_entity_poly.entity_id   1
_entity_poly.type   'polypeptide(L)'
_entity_poly.pdbx_seq_one_letter_code
;SEDNITVRFVTENDKEGWQRLWKSYQDFYEVSFPDDLDDFNFGRFLDPNIKMWAAVAVESSSEKIIGMINFFNHMTTWDF
KDKIYINDLYVDENSRVKGAGGKLIQFVYDEADKLGTPSVYWCTDESNHRAQLLYVKVGYKAPKILYKRKGY
;
_entity_poly.pdbx_strand_id   A,B,C,D
#
# COMPACT_ATOMS: atom_id res chain seq x y z
N ASP A 3 2.25 -36.98 3.45
CA ASP A 3 3.09 -36.16 2.54
C ASP A 3 4.57 -36.61 2.59
N ASN A 4 5.28 -36.39 1.49
CA ASN A 4 6.69 -36.78 1.39
C ASN A 4 7.67 -35.65 1.70
N ILE A 5 7.18 -34.60 2.35
CA ILE A 5 8.04 -33.47 2.70
C ILE A 5 8.04 -33.22 4.21
N THR A 6 9.22 -33.23 4.81
CA THR A 6 9.34 -32.99 6.24
C THR A 6 10.31 -31.83 6.45
N VAL A 7 10.15 -31.14 7.59
CA VAL A 7 11.04 -30.03 7.93
C VAL A 7 11.82 -30.33 9.21
N ARG A 8 13.01 -29.76 9.32
CA ARG A 8 13.86 -29.98 10.47
C ARG A 8 14.98 -28.96 10.48
N PHE A 9 15.52 -28.69 11.66
CA PHE A 9 16.63 -27.76 11.81
C PHE A 9 17.83 -28.23 10.99
N VAL A 10 18.70 -27.29 10.61
CA VAL A 10 19.88 -27.63 9.84
C VAL A 10 20.93 -28.36 10.68
N THR A 11 21.80 -29.08 9.98
CA THR A 11 22.89 -29.84 10.57
C THR A 11 24.12 -29.40 9.79
N GLU A 12 25.31 -29.68 10.31
CA GLU A 12 26.56 -29.33 9.63
C GLU A 12 26.57 -29.95 8.23
N ASN A 13 25.91 -31.10 8.09
CA ASN A 13 25.84 -31.80 6.82
C ASN A 13 24.82 -31.23 5.86
N ASP A 14 24.05 -30.24 6.31
CA ASP A 14 23.03 -29.61 5.47
C ASP A 14 23.53 -28.32 4.83
N LYS A 15 24.81 -28.00 5.00
CA LYS A 15 25.38 -26.77 4.46
C LYS A 15 25.35 -26.65 2.95
N GLU A 16 25.88 -27.66 2.27
CA GLU A 16 25.91 -27.66 0.81
C GLU A 16 24.52 -27.39 0.22
N GLY A 17 23.51 -28.05 0.77
CA GLY A 17 22.14 -27.88 0.29
C GLY A 17 21.57 -26.51 0.61
N TRP A 18 21.78 -26.06 1.85
CA TRP A 18 21.29 -24.77 2.29
C TRP A 18 21.94 -23.63 1.50
N GLN A 19 23.25 -23.71 1.30
CA GLN A 19 23.99 -22.67 0.57
C GLN A 19 23.55 -22.54 -0.91
N ARG A 20 23.16 -23.65 -1.52
CA ARG A 20 22.69 -23.66 -2.89
C ARG A 20 21.40 -22.85 -2.97
N LEU A 21 20.46 -23.18 -2.08
CA LEU A 21 19.17 -22.50 -1.98
C LEU A 21 19.37 -21.02 -1.62
N TRP A 22 20.38 -20.77 -0.78
CA TRP A 22 20.74 -19.43 -0.35
C TRP A 22 21.18 -18.61 -1.56
N LYS A 23 21.94 -19.23 -2.45
CA LYS A 23 22.42 -18.57 -3.67
C LYS A 23 21.25 -18.31 -4.64
N SER A 24 20.35 -19.27 -4.76
CA SER A 24 19.19 -19.15 -5.64
C SER A 24 18.22 -18.10 -5.10
N TYR A 25 18.16 -18.00 -3.78
CA TYR A 25 17.33 -17.04 -3.07
C TYR A 25 17.86 -15.65 -3.39
N GLN A 26 19.19 -15.54 -3.43
CA GLN A 26 19.87 -14.28 -3.74
C GLN A 26 19.57 -13.86 -5.18
N ASP A 27 19.55 -14.84 -6.09
CA ASP A 27 19.27 -14.55 -7.50
C ASP A 27 17.85 -14.03 -7.67
N PHE A 28 16.93 -14.60 -6.88
CA PHE A 28 15.53 -14.20 -6.90
C PHE A 28 15.44 -12.73 -6.49
N TYR A 29 16.14 -12.37 -5.43
CA TYR A 29 16.14 -11.01 -4.93
C TYR A 29 17.03 -10.06 -5.70
N GLU A 30 17.69 -10.57 -6.75
CA GLU A 30 18.58 -9.77 -7.59
C GLU A 30 19.74 -9.16 -6.80
N VAL A 31 20.12 -9.81 -5.70
CA VAL A 31 21.21 -9.33 -4.86
C VAL A 31 22.36 -10.34 -4.84
N SER A 32 23.46 -9.95 -4.20
CA SER A 32 24.60 -10.82 -4.09
C SER A 32 25.39 -10.51 -2.82
N PHE A 33 25.46 -11.50 -1.92
CA PHE A 33 26.17 -11.36 -0.65
C PHE A 33 27.51 -12.06 -0.75
N PRO A 34 28.52 -11.61 0.02
CA PRO A 34 29.84 -12.23 0.02
C PRO A 34 29.73 -13.64 0.60
N ASP A 35 30.52 -14.58 0.09
CA ASP A 35 30.45 -15.97 0.57
C ASP A 35 30.73 -16.11 2.07
N ASP A 36 31.44 -15.14 2.63
CA ASP A 36 31.76 -15.14 4.05
C ASP A 36 30.51 -14.99 4.92
N LEU A 37 29.47 -14.38 4.37
CA LEU A 37 28.22 -14.18 5.08
C LEU A 37 27.47 -15.49 5.19
N ASP A 38 27.65 -16.35 4.20
CA ASP A 38 27.00 -17.66 4.19
C ASP A 38 27.48 -18.47 5.38
N ASP A 39 28.80 -18.38 5.65
CA ASP A 39 29.42 -19.12 6.75
C ASP A 39 29.03 -18.54 8.11
N PHE A 40 28.92 -17.22 8.16
CA PHE A 40 28.54 -16.53 9.39
C PHE A 40 27.12 -16.89 9.75
N ASN A 41 26.24 -16.91 8.75
CA ASN A 41 24.85 -17.27 8.97
C ASN A 41 24.75 -18.70 9.46
N PHE A 42 25.43 -19.61 8.76
CA PHE A 42 25.38 -21.02 9.15
C PHE A 42 25.99 -21.21 10.51
N GLY A 43 26.99 -20.39 10.84
CA GLY A 43 27.64 -20.47 12.14
C GLY A 43 26.64 -20.13 13.23
N ARG A 44 25.92 -19.02 13.06
CA ARG A 44 24.90 -18.60 14.03
C ARG A 44 23.80 -19.66 14.19
N PHE A 45 23.44 -20.31 13.09
CA PHE A 45 22.41 -21.36 13.12
C PHE A 45 22.83 -22.51 14.05
N LEU A 46 24.05 -22.99 13.85
CA LEU A 46 24.59 -24.10 14.62
C LEU A 46 24.89 -23.76 16.09
N ASP A 47 25.21 -22.50 16.36
CA ASP A 47 25.53 -22.09 17.72
C ASP A 47 24.24 -22.06 18.55
N PRO A 48 24.08 -23.01 19.47
CA PRO A 48 22.87 -23.04 20.29
C PRO A 48 22.66 -21.81 21.17
N ASN A 49 23.73 -21.05 21.42
CA ASN A 49 23.61 -19.87 22.25
C ASN A 49 23.34 -18.57 21.51
N ILE A 50 23.12 -18.68 20.22
CA ILE A 50 22.77 -17.52 19.41
C ILE A 50 21.40 -17.87 18.88
N LYS A 51 20.42 -17.06 19.26
CA LYS A 51 19.04 -17.29 18.87
C LYS A 51 18.67 -17.01 17.41
N MET A 52 19.45 -17.60 16.51
CA MET A 52 19.23 -17.51 15.08
C MET A 52 19.20 -18.96 14.62
N TRP A 53 18.13 -19.33 13.95
CA TRP A 53 17.95 -20.70 13.49
C TRP A 53 17.70 -20.80 11.99
N ALA A 54 17.73 -22.03 11.49
CA ALA A 54 17.46 -22.34 10.10
C ALA A 54 16.93 -23.76 10.04
N ALA A 55 15.97 -23.96 9.16
CA ALA A 55 15.36 -25.26 8.94
C ALA A 55 15.37 -25.55 7.44
N VAL A 56 15.22 -26.82 7.10
CA VAL A 56 15.20 -27.23 5.71
C VAL A 56 14.05 -28.18 5.41
N ALA A 57 13.42 -28.00 4.25
CA ALA A 57 12.31 -28.86 3.83
C ALA A 57 12.97 -30.01 3.08
N VAL A 58 12.91 -31.19 3.68
CA VAL A 58 13.54 -32.37 3.10
C VAL A 58 12.59 -33.35 2.44
N GLU A 59 12.94 -33.76 1.23
CA GLU A 59 12.15 -34.72 0.49
C GLU A 59 12.43 -36.06 1.19
N SER A 60 11.39 -36.75 1.62
CA SER A 60 11.59 -38.02 2.33
C SER A 60 12.06 -39.18 1.45
N SER A 61 11.65 -39.18 0.18
CA SER A 61 12.06 -40.22 -0.77
C SER A 61 13.58 -40.25 -0.80
N SER A 62 14.16 -39.12 -1.19
CA SER A 62 15.60 -38.93 -1.24
C SER A 62 15.80 -37.73 -0.33
N GLU A 63 16.79 -37.79 0.55
CA GLU A 63 17.05 -36.70 1.49
C GLU A 63 17.42 -35.35 0.83
N LYS A 64 16.85 -35.11 -0.34
CA LYS A 64 17.09 -33.88 -1.08
C LYS A 64 16.46 -32.66 -0.41
N ILE A 65 17.30 -31.67 -0.12
CA ILE A 65 16.86 -30.43 0.50
C ILE A 65 16.21 -29.56 -0.57
N ILE A 66 14.93 -29.27 -0.39
CA ILE A 66 14.17 -28.49 -1.35
C ILE A 66 13.63 -27.16 -0.82
N GLY A 67 13.82 -26.92 0.48
CA GLY A 67 13.33 -25.69 1.07
C GLY A 67 14.23 -25.16 2.15
N MET A 68 14.16 -23.85 2.35
CA MET A 68 14.96 -23.15 3.35
C MET A 68 14.14 -22.09 4.05
N ILE A 69 14.38 -21.91 5.35
CA ILE A 69 13.71 -20.88 6.14
C ILE A 69 14.64 -20.45 7.28
N ASN A 70 15.00 -19.17 7.26
CA ASN A 70 15.89 -18.60 8.26
C ASN A 70 15.12 -17.65 9.17
N PHE A 71 15.21 -17.89 10.47
CA PHE A 71 14.52 -17.06 11.45
C PHE A 71 15.38 -16.75 12.69
N PHE A 72 14.99 -15.70 13.41
CA PHE A 72 15.72 -15.31 14.60
C PHE A 72 14.87 -14.58 15.62
N ASN A 73 15.34 -14.63 16.86
CA ASN A 73 14.69 -14.02 18.00
C ASN A 73 15.20 -12.60 18.24
N HIS A 74 14.30 -11.72 18.68
CA HIS A 74 14.66 -10.34 19.02
C HIS A 74 13.63 -9.71 19.94
N MET A 75 14.06 -8.66 20.64
CA MET A 75 13.24 -7.96 21.62
C MET A 75 12.08 -7.14 21.07
N THR A 76 11.31 -6.59 22.02
CA THR A 76 10.16 -5.74 21.72
C THR A 76 9.81 -4.97 22.99
N THR A 77 9.52 -3.69 22.82
CA THR A 77 9.15 -2.84 23.94
C THR A 77 7.66 -3.05 24.32
N TRP A 78 6.95 -3.84 23.53
CA TRP A 78 5.54 -4.10 23.77
C TRP A 78 5.25 -5.37 24.56
N ASP A 79 6.29 -6.11 24.93
CA ASP A 79 6.12 -7.35 25.67
C ASP A 79 7.37 -7.74 26.45
N PHE A 80 7.16 -8.55 27.48
CA PHE A 80 8.23 -9.03 28.34
C PHE A 80 9.05 -10.07 27.59
N LYS A 81 8.37 -10.91 26.82
CA LYS A 81 9.02 -11.94 26.01
C LYS A 81 9.33 -11.42 24.61
N ASP A 82 10.33 -12.02 23.98
CA ASP A 82 10.73 -11.63 22.64
C ASP A 82 9.73 -12.10 21.57
N LYS A 83 10.18 -12.07 20.32
CA LYS A 83 9.35 -12.52 19.20
C LYS A 83 10.26 -13.06 18.10
N ILE A 84 9.66 -13.74 17.13
CA ILE A 84 10.40 -14.35 16.04
C ILE A 84 10.16 -13.65 14.71
N TYR A 85 11.24 -13.47 13.97
CA TYR A 85 11.19 -12.86 12.66
C TYR A 85 11.68 -13.85 11.63
N ILE A 86 10.83 -14.18 10.66
CA ILE A 86 11.22 -15.09 9.58
C ILE A 86 11.88 -14.16 8.56
N ASN A 87 13.20 -14.27 8.44
CA ASN A 87 13.97 -13.41 7.54
C ASN A 87 14.00 -13.95 6.11
N ASP A 88 14.17 -15.26 5.94
CA ASP A 88 14.24 -15.82 4.61
C ASP A 88 13.39 -17.07 4.43
N LEU A 89 12.88 -17.24 3.22
CA LEU A 89 12.05 -18.38 2.86
C LEU A 89 12.30 -18.64 1.38
N TYR A 90 12.57 -19.90 1.03
CA TYR A 90 12.81 -20.26 -0.36
C TYR A 90 12.64 -21.75 -0.61
N VAL A 91 11.94 -22.06 -1.71
CA VAL A 91 11.68 -23.44 -2.14
C VAL A 91 12.09 -23.60 -3.61
N ASP A 92 12.73 -24.72 -3.94
CA ASP A 92 13.18 -25.01 -5.32
C ASP A 92 12.02 -24.84 -6.29
N GLU A 93 12.31 -24.31 -7.47
CA GLU A 93 11.29 -24.08 -8.50
C GLU A 93 10.52 -25.37 -8.84
N ASN A 94 11.27 -26.47 -8.96
CA ASN A 94 10.69 -27.77 -9.29
C ASN A 94 9.97 -28.41 -8.09
N SER A 95 10.14 -27.85 -6.91
CA SER A 95 9.51 -28.38 -5.71
C SER A 95 8.41 -27.49 -5.16
N ARG A 96 7.99 -26.49 -5.95
CA ARG A 96 6.96 -25.57 -5.48
C ARG A 96 5.56 -26.09 -5.62
N VAL A 97 4.66 -25.52 -4.81
CA VAL A 97 3.25 -25.89 -4.77
C VAL A 97 3.01 -27.35 -4.35
N LYS A 98 3.80 -27.81 -3.38
CA LYS A 98 3.69 -29.16 -2.85
C LYS A 98 3.48 -29.12 -1.34
N GLY A 99 3.42 -27.91 -0.79
CA GLY A 99 3.22 -27.72 0.64
C GLY A 99 4.46 -27.40 1.45
N ALA A 100 5.62 -27.42 0.80
CA ALA A 100 6.89 -27.15 1.48
C ALA A 100 6.97 -25.77 2.13
N GLY A 101 6.48 -24.75 1.43
CA GLY A 101 6.51 -23.40 1.96
C GLY A 101 5.70 -23.28 3.22
N GLY A 102 4.46 -23.78 3.19
CA GLY A 102 3.59 -23.72 4.35
C GLY A 102 4.12 -24.54 5.52
N LYS A 103 4.77 -25.67 5.23
CA LYS A 103 5.33 -26.52 6.27
C LYS A 103 6.51 -25.85 6.95
N LEU A 104 7.30 -25.11 6.17
CA LEU A 104 8.45 -24.40 6.71
C LEU A 104 7.98 -23.31 7.66
N ILE A 105 6.88 -22.64 7.33
CA ILE A 105 6.35 -21.58 8.19
C ILE A 105 5.71 -22.17 9.43
N GLN A 106 5.07 -23.32 9.29
CA GLN A 106 4.44 -23.97 10.43
C GLN A 106 5.52 -24.43 11.41
N PHE A 107 6.65 -24.90 10.87
CA PHE A 107 7.76 -25.35 11.69
C PHE A 107 8.23 -24.22 12.61
N VAL A 108 8.33 -23.01 12.05
CA VAL A 108 8.74 -21.84 12.83
C VAL A 108 7.67 -21.58 13.89
N TYR A 109 6.40 -21.72 13.51
CA TYR A 109 5.29 -21.50 14.43
C TYR A 109 5.38 -22.44 15.64
N ASP A 110 5.69 -23.71 15.37
CA ASP A 110 5.80 -24.73 16.41
C ASP A 110 6.99 -24.46 17.32
N GLU A 111 8.13 -24.11 16.73
CA GLU A 111 9.32 -23.83 17.52
C GLU A 111 9.12 -22.56 18.34
N ALA A 112 8.44 -21.57 17.76
CA ALA A 112 8.16 -20.32 18.44
C ALA A 112 7.39 -20.66 19.72
N ASP A 113 6.41 -21.55 19.58
CA ASP A 113 5.59 -21.99 20.70
C ASP A 113 6.44 -22.67 21.79
N LYS A 114 7.33 -23.57 21.39
CA LYS A 114 8.21 -24.27 22.32
C LYS A 114 9.14 -23.29 23.04
N LEU A 115 9.55 -22.23 22.32
CA LEU A 115 10.43 -21.21 22.87
C LEU A 115 9.71 -20.20 23.75
N GLY A 116 8.39 -20.28 23.81
CA GLY A 116 7.62 -19.33 24.60
C GLY A 116 7.60 -17.93 24.02
N THR A 117 7.84 -17.82 22.71
CA THR A 117 7.83 -16.53 22.00
C THR A 117 7.04 -16.77 20.71
N PRO A 118 5.71 -17.00 20.83
CA PRO A 118 4.75 -17.27 19.76
C PRO A 118 4.52 -16.19 18.71
N SER A 119 4.90 -14.96 19.03
CA SER A 119 4.71 -13.86 18.11
C SER A 119 5.68 -13.93 16.94
N VAL A 120 5.20 -14.46 15.82
CA VAL A 120 5.99 -14.62 14.60
C VAL A 120 5.52 -13.68 13.48
N TYR A 121 6.48 -13.07 12.79
CA TYR A 121 6.15 -12.16 11.69
C TYR A 121 7.22 -12.18 10.61
N TRP A 122 6.90 -11.56 9.48
CA TRP A 122 7.82 -11.47 8.35
C TRP A 122 7.30 -10.39 7.41
N CYS A 123 8.01 -10.17 6.31
CA CYS A 123 7.61 -9.17 5.32
C CYS A 123 8.06 -9.57 3.93
N THR A 124 7.16 -9.42 2.96
CA THR A 124 7.45 -9.74 1.58
C THR A 124 7.37 -8.46 0.75
N ASP A 125 7.83 -8.55 -0.50
CA ASP A 125 7.78 -7.42 -1.40
C ASP A 125 6.33 -7.31 -1.84
N GLU A 126 5.82 -6.09 -1.95
CA GLU A 126 4.43 -5.90 -2.34
C GLU A 126 4.08 -6.47 -3.72
N SER A 127 5.11 -6.75 -4.51
CA SER A 127 4.97 -7.30 -5.84
C SER A 127 5.02 -8.84 -5.87
N ASN A 128 5.46 -9.45 -4.76
CA ASN A 128 5.54 -10.89 -4.69
C ASN A 128 4.18 -11.51 -4.40
N HIS A 129 3.38 -11.70 -5.44
CA HIS A 129 2.05 -12.26 -5.29
C HIS A 129 2.04 -13.78 -5.13
N ARG A 130 3.07 -14.44 -5.65
CA ARG A 130 3.19 -15.88 -5.55
C ARG A 130 3.35 -16.25 -4.06
N ALA A 131 4.21 -15.52 -3.36
CA ALA A 131 4.44 -15.78 -1.94
C ALA A 131 3.21 -15.45 -1.11
N GLN A 132 2.61 -14.29 -1.41
CA GLN A 132 1.43 -13.84 -0.68
C GLN A 132 0.23 -14.76 -0.83
N LEU A 133 0.24 -15.60 -1.86
CA LEU A 133 -0.83 -16.55 -2.11
C LEU A 133 -0.85 -17.57 -0.97
N LEU A 134 0.31 -17.73 -0.32
CA LEU A 134 0.46 -18.62 0.81
C LEU A 134 0.34 -17.86 2.13
N TYR A 135 1.04 -16.74 2.22
CA TYR A 135 1.04 -15.90 3.43
C TYR A 135 -0.34 -15.50 3.91
N VAL A 136 -1.25 -15.36 2.96
CA VAL A 136 -2.61 -14.97 3.28
C VAL A 136 -3.39 -16.11 3.96
N LYS A 137 -2.86 -17.32 3.83
CA LYS A 137 -3.45 -18.53 4.41
C LYS A 137 -2.85 -18.88 5.77
N VAL A 138 -1.55 -18.61 5.93
CA VAL A 138 -0.84 -18.92 7.17
C VAL A 138 -0.65 -17.70 8.09
N GLY A 139 -1.11 -16.55 7.64
CA GLY A 139 -0.98 -15.35 8.43
C GLY A 139 -1.90 -14.27 7.91
N TYR A 140 -1.63 -13.02 8.29
CA TYR A 140 -2.47 -11.93 7.83
C TYR A 140 -1.63 -10.67 7.61
N LYS A 141 -2.04 -9.88 6.62
CA LYS A 141 -1.34 -8.65 6.27
C LYS A 141 -1.63 -7.58 7.32
N ALA A 142 -0.57 -7.07 7.97
CA ALA A 142 -0.73 -6.02 8.96
C ALA A 142 -0.84 -4.67 8.23
N PRO A 143 -1.71 -3.77 8.71
CA PRO A 143 -1.91 -2.44 8.09
C PRO A 143 -0.77 -1.46 8.39
N LYS A 144 0.46 -1.90 8.10
CA LYS A 144 1.64 -1.09 8.36
C LYS A 144 2.50 -0.79 7.14
N ILE A 145 3.31 0.26 7.29
CA ILE A 145 4.23 0.73 6.26
C ILE A 145 5.63 0.61 6.86
N LEU A 146 6.58 0.11 6.07
CA LEU A 146 7.94 -0.04 6.55
C LEU A 146 8.82 1.10 6.02
N TYR A 147 9.49 1.79 6.93
CA TYR A 147 10.39 2.90 6.58
C TYR A 147 11.83 2.54 6.91
N LYS A 148 12.74 2.89 6.01
CA LYS A 148 14.16 2.62 6.20
C LYS A 148 14.94 3.92 6.17
N ARG A 149 16.05 3.95 6.88
CA ARG A 149 16.90 5.14 6.91
C ARG A 149 17.43 5.35 5.50
N LYS A 150 17.44 6.60 5.04
CA LYS A 150 17.92 6.91 3.69
C LYS A 150 19.33 6.36 3.43
N GLY A 151 19.45 5.60 2.35
CA GLY A 151 20.74 5.01 1.99
C GLY A 151 20.92 3.60 2.52
N TYR A 152 19.90 3.08 3.19
CA TYR A 152 19.94 1.75 3.78
C TYR A 152 18.72 0.90 3.43
N ASN B 4 15.91 26.01 22.67
CA ASN B 4 15.82 24.94 21.66
C ASN B 4 15.60 23.56 22.32
N ILE B 5 15.74 22.51 21.52
CA ILE B 5 15.56 21.14 21.97
C ILE B 5 16.85 20.34 21.82
N THR B 6 17.05 19.35 22.70
CA THR B 6 18.21 18.48 22.65
C THR B 6 17.76 17.07 23.04
N VAL B 7 18.45 16.08 22.50
CA VAL B 7 18.13 14.69 22.78
C VAL B 7 19.33 14.00 23.42
N ARG B 8 19.05 13.14 24.39
CA ARG B 8 20.10 12.40 25.08
C ARG B 8 19.49 11.15 25.69
N PHE B 9 20.34 10.16 25.95
CA PHE B 9 19.87 8.91 26.53
C PHE B 9 19.23 9.18 27.88
N VAL B 10 18.27 8.33 28.24
CA VAL B 10 17.58 8.45 29.52
C VAL B 10 18.52 8.12 30.67
N THR B 11 18.22 8.66 31.85
CA THR B 11 18.98 8.39 33.07
C THR B 11 17.94 7.97 34.10
N GLU B 12 18.38 7.59 35.30
CA GLU B 12 17.45 7.17 36.34
C GLU B 12 16.42 8.25 36.65
N ASN B 13 16.83 9.51 36.53
CA ASN B 13 15.98 10.65 36.80
C ASN B 13 14.90 10.91 35.76
N ASP B 14 15.14 10.48 34.53
CA ASP B 14 14.20 10.68 33.44
C ASP B 14 13.02 9.70 33.41
N LYS B 15 13.05 8.69 34.29
CA LYS B 15 12.00 7.68 34.34
C LYS B 15 10.59 8.22 34.42
N GLU B 16 10.39 9.24 35.25
CA GLU B 16 9.08 9.87 35.44
C GLU B 16 8.50 10.47 34.16
N GLY B 17 9.27 11.33 33.51
CA GLY B 17 8.82 11.96 32.28
C GLY B 17 8.64 10.97 31.15
N TRP B 18 9.48 9.92 31.14
CA TRP B 18 9.41 8.90 30.11
C TRP B 18 8.10 8.12 30.24
N GLN B 19 7.74 7.75 31.46
CA GLN B 19 6.50 7.01 31.70
C GLN B 19 5.26 7.83 31.36
N ARG B 20 5.38 9.15 31.50
CA ARG B 20 4.30 10.08 31.17
C ARG B 20 4.06 10.03 29.67
N LEU B 21 5.15 10.01 28.89
CA LEU B 21 5.08 9.95 27.44
C LEU B 21 4.68 8.54 26.98
N TRP B 22 5.12 7.54 27.74
CA TRP B 22 4.82 6.14 27.47
C TRP B 22 3.31 5.91 27.60
N LYS B 23 2.70 6.57 28.59
CA LYS B 23 1.26 6.46 28.80
C LYS B 23 0.54 7.14 27.64
N SER B 24 0.93 8.38 27.36
CA SER B 24 0.35 9.15 26.26
C SER B 24 0.44 8.35 24.95
N TYR B 25 1.58 7.71 24.74
CA TYR B 25 1.85 6.90 23.56
C TYR B 25 0.87 5.73 23.47
N GLN B 26 0.59 5.10 24.61
CA GLN B 26 -0.36 3.98 24.63
C GLN B 26 -1.78 4.47 24.33
N ASP B 27 -2.11 5.68 24.79
CA ASP B 27 -3.44 6.26 24.54
C ASP B 27 -3.57 6.44 23.04
N PHE B 28 -2.54 7.01 22.44
CA PHE B 28 -2.49 7.25 21.00
C PHE B 28 -2.84 5.97 20.24
N TYR B 29 -2.11 4.89 20.56
CA TYR B 29 -2.34 3.59 19.91
C TYR B 29 -3.60 2.88 20.39
N GLU B 30 -4.30 3.49 21.35
CA GLU B 30 -5.53 2.93 21.91
C GLU B 30 -5.31 1.54 22.53
N VAL B 31 -4.16 1.39 23.17
CA VAL B 31 -3.79 0.15 23.84
C VAL B 31 -3.55 0.39 25.32
N SER B 32 -3.24 -0.69 26.04
CA SER B 32 -2.99 -0.60 27.47
C SER B 32 -2.06 -1.73 27.90
N PHE B 33 -0.79 -1.42 28.11
CA PHE B 33 0.21 -2.40 28.53
C PHE B 33 0.22 -2.53 30.05
N PRO B 34 0.69 -3.68 30.57
CA PRO B 34 0.78 -3.93 32.02
C PRO B 34 1.67 -2.84 32.64
N ASP B 35 1.32 -2.38 33.85
CA ASP B 35 2.09 -1.32 34.52
C ASP B 35 3.53 -1.71 34.85
N ASP B 36 3.80 -3.00 34.92
CA ASP B 36 5.15 -3.45 35.23
C ASP B 36 6.07 -3.52 34.00
N LEU B 37 5.48 -3.41 32.81
CA LEU B 37 6.22 -3.45 31.55
C LEU B 37 7.04 -2.18 31.43
N ASP B 38 6.54 -1.12 32.07
CA ASP B 38 7.21 0.18 32.10
C ASP B 38 8.55 0.00 32.80
N ASP B 39 8.48 -0.62 33.98
CA ASP B 39 9.64 -0.88 34.81
C ASP B 39 10.60 -1.85 34.13
N PHE B 40 10.05 -2.80 33.37
CA PHE B 40 10.86 -3.78 32.66
C PHE B 40 11.65 -3.09 31.55
N ASN B 41 10.96 -2.25 30.78
CA ASN B 41 11.59 -1.52 29.69
C ASN B 41 12.68 -0.58 30.19
N PHE B 42 12.36 0.25 31.18
CA PHE B 42 13.35 1.18 31.69
C PHE B 42 14.59 0.46 32.23
N GLY B 43 14.37 -0.71 32.83
CA GLY B 43 15.46 -1.52 33.34
C GLY B 43 16.43 -1.91 32.24
N ARG B 44 15.89 -2.19 31.05
CA ARG B 44 16.66 -2.56 29.87
C ARG B 44 17.38 -1.36 29.25
N PHE B 45 16.74 -0.20 29.28
CA PHE B 45 17.38 0.99 28.72
C PHE B 45 18.63 1.29 29.52
N LEU B 46 18.53 1.11 30.84
CA LEU B 46 19.64 1.39 31.75
C LEU B 46 20.68 0.29 31.85
N ASP B 47 20.30 -0.94 31.53
CA ASP B 47 21.23 -2.07 31.55
C ASP B 47 22.13 -1.97 30.31
N PRO B 48 23.43 -1.64 30.51
CA PRO B 48 24.38 -1.53 29.40
C PRO B 48 24.66 -2.84 28.66
N ASN B 49 24.28 -3.97 29.26
CA ASN B 49 24.49 -5.27 28.64
C ASN B 49 23.32 -5.73 27.75
N ILE B 50 22.27 -4.92 27.73
CA ILE B 50 21.11 -5.21 26.90
C ILE B 50 21.08 -4.09 25.86
N LYS B 51 21.17 -4.46 24.59
CA LYS B 51 21.17 -3.48 23.50
C LYS B 51 19.79 -2.91 23.15
N MET B 52 19.15 -2.31 24.15
CA MET B 52 17.86 -1.65 24.00
C MET B 52 18.04 -0.31 24.70
N TRP B 53 17.77 0.76 23.97
CA TRP B 53 17.95 2.09 24.53
C TRP B 53 16.72 2.96 24.41
N ALA B 54 16.81 4.11 25.05
CA ALA B 54 15.76 5.11 25.00
C ALA B 54 16.45 6.45 25.14
N ALA B 55 16.03 7.38 24.29
CA ALA B 55 16.55 8.73 24.31
C ALA B 55 15.35 9.60 24.63
N VAL B 56 15.62 10.79 25.13
CA VAL B 56 14.55 11.68 25.51
C VAL B 56 14.83 13.10 24.99
N ALA B 57 13.79 13.75 24.47
CA ALA B 57 13.93 15.11 23.96
C ALA B 57 13.58 16.04 25.12
N VAL B 58 14.40 17.06 25.31
CA VAL B 58 14.20 18.01 26.41
C VAL B 58 14.40 19.43 25.91
N GLU B 59 13.58 20.35 26.41
CA GLU B 59 13.70 21.76 26.04
C GLU B 59 14.75 22.40 26.93
N SER B 60 15.72 23.05 26.31
CA SER B 60 16.82 23.71 27.02
C SER B 60 16.37 24.73 28.07
N SER B 61 15.28 25.41 27.78
CA SER B 61 14.72 26.41 28.69
C SER B 61 14.02 25.76 29.88
N SER B 62 12.80 25.30 29.63
CA SER B 62 11.96 24.64 30.63
C SER B 62 12.57 23.37 31.21
N GLU B 63 13.42 22.70 30.44
CA GLU B 63 14.06 21.45 30.86
C GLU B 63 13.03 20.34 31.06
N LYS B 64 11.86 20.51 30.44
CA LYS B 64 10.78 19.53 30.54
C LYS B 64 10.95 18.50 29.44
N ILE B 65 10.79 17.23 29.80
CA ILE B 65 10.88 16.12 28.85
C ILE B 65 9.68 16.21 27.92
N ILE B 66 9.92 16.42 26.62
CA ILE B 66 8.82 16.53 25.67
C ILE B 66 8.68 15.41 24.66
N GLY B 67 9.69 14.56 24.52
CA GLY B 67 9.61 13.47 23.56
C GLY B 67 10.47 12.26 23.90
N MET B 68 10.10 11.11 23.35
CA MET B 68 10.83 9.87 23.59
C MET B 68 10.94 9.04 22.32
N ILE B 69 11.95 8.19 22.29
CA ILE B 69 12.21 7.30 21.17
C ILE B 69 12.88 6.07 21.76
N ASN B 70 12.23 4.92 21.62
CA ASN B 70 12.77 3.68 22.13
C ASN B 70 13.22 2.83 20.94
N PHE B 71 14.44 2.32 21.01
CA PHE B 71 15.01 1.54 19.93
C PHE B 71 15.93 0.43 20.41
N PHE B 72 16.16 -0.56 19.56
CA PHE B 72 17.02 -1.67 19.93
C PHE B 72 17.77 -2.34 18.78
N ASN B 73 18.76 -3.15 19.15
CA ASN B 73 19.60 -3.86 18.21
C ASN B 73 19.15 -5.29 17.97
N HIS B 74 19.24 -5.75 16.72
CA HIS B 74 18.92 -7.13 16.39
C HIS B 74 19.68 -7.64 15.17
N MET B 75 19.80 -8.95 15.07
CA MET B 75 20.55 -9.56 13.97
C MET B 75 19.92 -9.44 12.59
N THR B 76 20.64 -9.96 11.59
CA THR B 76 20.22 -9.94 10.18
C THR B 76 20.97 -11.04 9.45
N THR B 77 20.27 -11.75 8.56
CA THR B 77 20.88 -12.80 7.76
C THR B 77 21.52 -12.16 6.52
N TRP B 78 21.10 -10.94 6.22
CA TRP B 78 21.58 -10.21 5.06
C TRP B 78 22.86 -9.39 5.23
N ASP B 79 23.48 -9.46 6.41
CA ASP B 79 24.70 -8.70 6.66
C ASP B 79 25.36 -9.11 7.97
N PHE B 80 26.64 -8.75 8.10
CA PHE B 80 27.42 -9.04 9.30
C PHE B 80 26.98 -8.08 10.40
N LYS B 81 26.71 -6.84 10.01
CA LYS B 81 26.27 -5.82 10.96
C LYS B 81 24.82 -6.04 11.36
N ASP B 82 24.50 -5.70 12.60
CA ASP B 82 23.14 -5.82 13.09
C ASP B 82 22.37 -4.55 12.69
N LYS B 83 21.05 -4.59 12.79
CA LYS B 83 20.21 -3.44 12.45
C LYS B 83 19.69 -2.81 13.74
N ILE B 84 19.24 -1.57 13.64
CA ILE B 84 18.66 -0.86 14.78
C ILE B 84 17.22 -0.59 14.41
N TYR B 85 16.32 -1.00 15.29
CA TYR B 85 14.91 -0.81 15.06
C TYR B 85 14.33 0.18 16.06
N ILE B 86 13.70 1.22 15.53
CA ILE B 86 13.06 2.21 16.37
C ILE B 86 11.66 1.63 16.59
N ASN B 87 11.41 1.19 17.82
CA ASN B 87 10.14 0.61 18.18
C ASN B 87 9.08 1.66 18.44
N ASP B 88 9.43 2.67 19.23
CA ASP B 88 8.49 3.73 19.60
C ASP B 88 9.00 5.16 19.40
N LEU B 89 8.08 6.06 19.06
CA LEU B 89 8.39 7.48 18.87
C LEU B 89 7.17 8.27 19.33
N TYR B 90 7.39 9.26 20.21
CA TYR B 90 6.29 10.09 20.70
C TYR B 90 6.74 11.45 21.22
N VAL B 91 6.10 12.50 20.72
CA VAL B 91 6.36 13.88 21.12
C VAL B 91 5.05 14.44 21.70
N ASP B 92 5.14 15.16 22.83
CA ASP B 92 3.96 15.75 23.47
C ASP B 92 3.11 16.52 22.47
N GLU B 93 1.80 16.27 22.50
CA GLU B 93 0.88 16.93 21.58
C GLU B 93 1.05 18.44 21.51
N ASN B 94 1.54 19.04 22.60
CA ASN B 94 1.77 20.49 22.65
C ASN B 94 3.15 20.93 22.20
N SER B 95 4.05 19.98 22.01
CA SER B 95 5.41 20.28 21.60
C SER B 95 5.70 19.75 20.20
N ARG B 96 4.66 19.56 19.41
CA ARG B 96 4.83 19.03 18.05
C ARG B 96 5.21 20.06 16.99
N VAL B 97 5.82 19.55 15.92
CA VAL B 97 6.27 20.34 14.76
C VAL B 97 7.37 21.37 15.09
N LYS B 98 7.98 21.23 16.26
CA LYS B 98 9.07 22.13 16.66
C LYS B 98 10.42 21.53 16.25
N GLY B 99 10.38 20.34 15.65
CA GLY B 99 11.60 19.66 15.22
C GLY B 99 12.07 18.59 16.18
N ALA B 100 11.24 18.24 17.16
CA ALA B 100 11.60 17.23 18.16
C ALA B 100 11.65 15.80 17.61
N GLY B 101 10.63 15.41 16.86
CA GLY B 101 10.61 14.08 16.29
C GLY B 101 11.85 13.87 15.43
N GLY B 102 12.13 14.85 14.57
CA GLY B 102 13.29 14.78 13.69
C GLY B 102 14.59 14.66 14.45
N LYS B 103 14.74 15.45 15.52
CA LYS B 103 15.93 15.41 16.34
C LYS B 103 16.06 14.10 17.12
N LEU B 104 14.92 13.45 17.38
CA LEU B 104 14.90 12.17 18.09
C LEU B 104 15.39 11.06 17.15
N ILE B 105 14.93 11.09 15.91
CA ILE B 105 15.31 10.11 14.89
C ILE B 105 16.78 10.31 14.50
N GLN B 106 17.18 11.57 14.34
CA GLN B 106 18.55 11.90 13.98
C GLN B 106 19.55 11.44 15.04
N PHE B 107 19.14 11.55 16.30
CA PHE B 107 19.96 11.11 17.42
C PHE B 107 20.24 9.61 17.28
N VAL B 108 19.21 8.82 17.01
CA VAL B 108 19.35 7.37 16.84
C VAL B 108 20.29 7.06 15.66
N TYR B 109 20.16 7.84 14.58
CA TYR B 109 21.02 7.67 13.41
C TYR B 109 22.47 7.82 13.83
N ASP B 110 22.76 8.90 14.57
CA ASP B 110 24.11 9.19 15.05
C ASP B 110 24.64 8.12 16.00
N GLU B 111 23.77 7.63 16.88
CA GLU B 111 24.13 6.62 17.85
C GLU B 111 24.38 5.28 17.17
N ALA B 112 23.55 4.92 16.20
CA ALA B 112 23.72 3.69 15.45
C ALA B 112 25.04 3.72 14.67
N ASP B 113 25.40 4.91 14.17
CA ASP B 113 26.65 5.08 13.43
C ASP B 113 27.84 4.75 14.32
N LYS B 114 27.77 5.17 15.58
CA LYS B 114 28.85 4.93 16.54
C LYS B 114 28.92 3.48 16.96
N LEU B 115 27.80 2.78 16.84
CA LEU B 115 27.72 1.37 17.21
C LEU B 115 28.18 0.41 16.12
N GLY B 116 28.34 0.92 14.90
CA GLY B 116 28.74 0.09 13.79
C GLY B 116 27.55 -0.63 13.20
N THR B 117 26.36 -0.11 13.51
CA THR B 117 25.09 -0.67 13.05
C THR B 117 24.20 0.46 12.52
N PRO B 118 24.69 1.21 11.50
CA PRO B 118 24.00 2.35 10.87
C PRO B 118 22.66 2.09 10.20
N SER B 119 22.39 0.84 9.83
CA SER B 119 21.15 0.49 9.16
C SER B 119 19.96 0.53 10.12
N VAL B 120 19.26 1.67 10.14
CA VAL B 120 18.11 1.87 11.01
C VAL B 120 16.80 1.81 10.23
N TYR B 121 15.79 1.20 10.85
CA TYR B 121 14.47 1.09 10.23
C TYR B 121 13.39 1.10 11.30
N TRP B 122 12.14 1.17 10.85
CA TRP B 122 10.98 1.20 11.73
C TRP B 122 9.73 1.09 10.88
N CYS B 123 8.57 1.00 11.52
CA CYS B 123 7.34 0.93 10.77
C CYS B 123 6.26 1.72 11.48
N THR B 124 5.22 2.06 10.73
CA THR B 124 4.11 2.84 11.25
C THR B 124 2.81 2.35 10.61
N ASP B 125 1.69 2.74 11.19
CA ASP B 125 0.41 2.35 10.62
C ASP B 125 0.24 3.16 9.34
N GLU B 126 -0.31 2.53 8.31
CA GLU B 126 -0.50 3.20 7.03
C GLU B 126 -1.32 4.50 7.09
N SER B 127 -2.31 4.55 7.99
CA SER B 127 -3.16 5.74 8.12
C SER B 127 -2.52 6.88 8.93
N ASN B 128 -1.31 6.66 9.44
CA ASN B 128 -0.61 7.66 10.24
C ASN B 128 0.13 8.63 9.31
N HIS B 129 -0.62 9.55 8.72
CA HIS B 129 -0.04 10.53 7.81
C HIS B 129 0.74 11.62 8.51
N ARG B 130 0.35 11.94 9.73
CA ARG B 130 1.04 12.97 10.52
C ARG B 130 2.49 12.55 10.68
N ALA B 131 2.71 11.34 11.19
CA ALA B 131 4.05 10.81 11.39
C ALA B 131 4.82 10.68 10.08
N GLN B 132 4.14 10.17 9.04
CA GLN B 132 4.76 9.99 7.74
C GLN B 132 5.24 11.28 7.05
N LEU B 133 4.72 12.44 7.48
CA LEU B 133 5.17 13.72 6.93
C LEU B 133 6.65 13.89 7.30
N LEU B 134 7.01 13.39 8.50
CA LEU B 134 8.37 13.44 9.01
C LEU B 134 9.20 12.29 8.46
N TYR B 135 8.57 11.12 8.35
CA TYR B 135 9.25 9.92 7.87
C TYR B 135 9.83 10.00 6.47
N VAL B 136 9.08 10.60 5.55
CA VAL B 136 9.54 10.72 4.17
C VAL B 136 10.68 11.74 4.00
N LYS B 137 11.00 12.46 5.07
CA LYS B 137 12.08 13.45 5.05
C LYS B 137 13.38 12.88 5.60
N VAL B 138 13.28 11.95 6.55
CA VAL B 138 14.45 11.34 7.17
C VAL B 138 14.71 9.92 6.68
N GLY B 139 13.73 9.36 5.96
CA GLY B 139 13.88 8.01 5.44
C GLY B 139 13.01 7.81 4.22
N TYR B 140 12.78 6.55 3.85
CA TYR B 140 11.97 6.25 2.70
C TYR B 140 11.11 4.99 2.91
N LYS B 141 9.91 5.00 2.33
CA LYS B 141 8.98 3.88 2.44
C LYS B 141 9.48 2.68 1.63
N ALA B 142 9.75 1.58 2.33
CA ALA B 142 10.18 0.34 1.70
C ALA B 142 8.96 -0.28 1.00
N PRO B 143 9.13 -0.81 -0.22
CA PRO B 143 8.02 -1.42 -0.94
C PRO B 143 7.71 -2.82 -0.44
N LYS B 144 7.52 -2.95 0.88
CA LYS B 144 7.24 -4.23 1.50
C LYS B 144 5.87 -4.31 2.17
N ILE B 145 5.43 -5.54 2.44
CA ILE B 145 4.17 -5.81 3.12
C ILE B 145 4.50 -6.63 4.38
N LEU B 146 3.98 -6.21 5.52
CA LEU B 146 4.23 -6.94 6.76
C LEU B 146 3.14 -7.97 7.04
N TYR B 147 3.57 -9.17 7.38
CA TYR B 147 2.66 -10.26 7.69
C TYR B 147 2.90 -10.78 9.10
N LYS B 148 1.83 -10.99 9.84
CA LYS B 148 1.90 -11.50 11.20
C LYS B 148 1.20 -12.85 11.28
N ARG B 149 1.57 -13.62 12.28
CA ARG B 149 0.98 -14.93 12.50
C ARG B 149 -0.46 -14.67 12.94
N LYS B 150 -1.40 -15.51 12.48
CA LYS B 150 -2.80 -15.33 12.84
C LYS B 150 -3.04 -15.32 14.36
N GLY B 151 -3.60 -14.20 14.85
CA GLY B 151 -3.88 -14.06 16.26
C GLY B 151 -2.80 -13.30 17.01
N TYR B 152 -1.72 -12.96 16.32
CA TYR B 152 -0.61 -12.23 16.92
C TYR B 152 -0.31 -10.94 16.15
N ASN C 4 -6.90 -21.59 -29.73
CA ASN C 4 -7.66 -22.31 -28.67
C ASN C 4 -8.74 -21.43 -28.05
N ILE C 5 -8.35 -20.22 -27.66
CA ILE C 5 -9.28 -19.25 -27.07
C ILE C 5 -9.27 -17.96 -27.89
N THR C 6 -10.46 -17.46 -28.19
CA THR C 6 -10.59 -16.22 -28.96
C THR C 6 -11.49 -15.22 -28.25
N VAL C 7 -11.17 -13.95 -28.39
CA VAL C 7 -11.95 -12.90 -27.76
C VAL C 7 -12.70 -12.10 -28.82
N ARG C 8 -13.88 -11.59 -28.46
CA ARG C 8 -14.67 -10.81 -29.40
C ARG C 8 -15.80 -10.06 -28.71
N PHE C 9 -16.22 -8.94 -29.30
CA PHE C 9 -17.31 -8.16 -28.74
C PHE C 9 -18.56 -9.03 -28.65
N VAL C 10 -19.37 -8.78 -27.61
CA VAL C 10 -20.59 -9.53 -27.39
C VAL C 10 -21.67 -9.17 -28.41
N THR C 11 -22.55 -10.12 -28.70
CA THR C 11 -23.67 -9.90 -29.60
C THR C 11 -24.92 -10.29 -28.83
N GLU C 12 -26.08 -10.10 -29.44
CA GLU C 12 -27.36 -10.42 -28.80
C GLU C 12 -27.45 -11.87 -28.33
N ASN C 13 -26.77 -12.75 -29.04
CA ASN C 13 -26.77 -14.18 -28.73
C ASN C 13 -25.84 -14.58 -27.60
N ASP C 14 -25.05 -13.63 -27.12
CA ASP C 14 -24.12 -13.90 -26.02
C ASP C 14 -24.70 -13.47 -24.68
N LYS C 15 -25.93 -12.96 -24.72
CA LYS C 15 -26.63 -12.50 -23.52
C LYS C 15 -26.63 -13.53 -22.38
N GLU C 16 -27.19 -14.70 -22.62
CA GLU C 16 -27.27 -15.73 -21.57
C GLU C 16 -25.90 -16.20 -21.10
N GLY C 17 -24.94 -16.33 -22.03
CA GLY C 17 -23.61 -16.77 -21.68
C GLY C 17 -22.85 -15.72 -20.88
N TRP C 18 -23.22 -14.46 -21.09
CA TRP C 18 -22.59 -13.31 -20.41
C TRP C 18 -23.20 -13.11 -19.02
N GLN C 19 -24.52 -13.24 -18.92
CA GLN C 19 -25.23 -13.09 -17.65
C GLN C 19 -24.75 -14.15 -16.67
N ARG C 20 -24.36 -15.30 -17.20
CA ARG C 20 -23.87 -16.42 -16.42
C ARG C 20 -22.61 -15.98 -15.68
N LEU C 21 -21.61 -15.55 -16.44
CA LEU C 21 -20.34 -15.09 -15.89
C LEU C 21 -20.54 -13.86 -15.03
N TRP C 22 -21.56 -13.08 -15.36
CA TRP C 22 -21.89 -11.88 -14.61
C TRP C 22 -22.25 -12.30 -13.18
N LYS C 23 -23.15 -13.26 -13.05
CA LYS C 23 -23.59 -13.77 -11.76
C LYS C 23 -22.45 -14.43 -10.99
N SER C 24 -21.58 -15.15 -11.68
CA SER C 24 -20.44 -15.81 -11.06
C SER C 24 -19.45 -14.77 -10.54
N TYR C 25 -19.36 -13.66 -11.27
CA TYR C 25 -18.49 -12.54 -10.93
C TYR C 25 -19.05 -11.87 -9.67
N GLN C 26 -20.38 -11.84 -9.59
CA GLN C 26 -21.07 -11.25 -8.43
C GLN C 26 -20.85 -12.11 -7.19
N ASP C 27 -20.87 -13.43 -7.37
CA ASP C 27 -20.66 -14.36 -6.28
C ASP C 27 -19.24 -14.19 -5.74
N PHE C 28 -18.28 -14.07 -6.67
CA PHE C 28 -16.87 -13.88 -6.33
C PHE C 28 -16.69 -12.67 -5.41
N TYR C 29 -17.30 -11.55 -5.77
CA TYR C 29 -17.19 -10.33 -4.96
C TYR C 29 -18.13 -10.32 -3.77
N GLU C 30 -18.93 -11.37 -3.66
CA GLU C 30 -19.91 -11.53 -2.58
C GLU C 30 -20.96 -10.42 -2.54
N VAL C 31 -21.39 -9.98 -3.72
CA VAL C 31 -22.41 -8.95 -3.84
C VAL C 31 -23.60 -9.44 -4.64
N SER C 32 -24.65 -8.63 -4.71
CA SER C 32 -25.85 -8.96 -5.45
C SER C 32 -26.46 -7.73 -6.11
N PHE C 33 -26.46 -7.74 -7.44
CA PHE C 33 -27.02 -6.65 -8.24
C PHE C 33 -28.40 -7.12 -8.73
N PRO C 34 -29.34 -6.17 -8.94
CA PRO C 34 -30.67 -6.55 -9.43
C PRO C 34 -30.58 -7.08 -10.87
N ASP C 35 -31.54 -7.91 -11.30
CA ASP C 35 -31.50 -8.48 -12.65
C ASP C 35 -31.67 -7.43 -13.74
N ASP C 36 -32.15 -6.25 -13.35
CA ASP C 36 -32.35 -5.16 -14.30
C ASP C 36 -31.02 -4.57 -14.76
N LEU C 37 -30.02 -4.60 -13.88
CA LEU C 37 -28.70 -4.09 -14.21
C LEU C 37 -28.03 -4.98 -15.26
N ASP C 38 -28.43 -6.25 -15.28
CA ASP C 38 -27.90 -7.22 -16.24
C ASP C 38 -28.34 -6.79 -17.65
N ASP C 39 -29.59 -6.39 -17.75
CA ASP C 39 -30.19 -5.94 -19.00
C ASP C 39 -29.74 -4.53 -19.37
N PHE C 40 -29.59 -3.68 -18.36
CA PHE C 40 -29.16 -2.31 -18.57
C PHE C 40 -27.76 -2.32 -19.16
N ASN C 41 -26.84 -2.98 -18.46
CA ASN C 41 -25.46 -3.07 -18.90
C ASN C 41 -25.34 -3.68 -20.28
N PHE C 42 -26.06 -4.77 -20.52
CA PHE C 42 -26.00 -5.44 -21.80
C PHE C 42 -26.60 -4.56 -22.90
N GLY C 43 -27.59 -3.76 -22.53
CA GLY C 43 -28.22 -2.87 -23.49
C GLY C 43 -27.18 -1.86 -23.94
N ARG C 44 -26.45 -1.31 -22.97
CA ARG C 44 -25.41 -0.31 -23.23
C ARG C 44 -24.24 -0.85 -24.03
N PHE C 45 -23.96 -2.14 -23.88
CA PHE C 45 -22.87 -2.77 -24.63
C PHE C 45 -23.24 -2.78 -26.12
N LEU C 46 -24.45 -3.22 -26.42
CA LEU C 46 -24.92 -3.31 -27.80
C LEU C 46 -25.19 -1.95 -28.44
N ASP C 47 -25.62 -0.98 -27.63
CA ASP C 47 -25.89 0.38 -28.13
C ASP C 47 -24.57 1.03 -28.55
N PRO C 48 -24.42 1.31 -29.86
CA PRO C 48 -23.21 1.94 -30.43
C PRO C 48 -22.98 3.37 -29.95
N ASN C 49 -24.05 4.05 -29.56
CA ASN C 49 -23.94 5.43 -29.09
C ASN C 49 -23.26 5.51 -27.73
N ILE C 50 -23.47 4.49 -26.90
CA ILE C 50 -22.85 4.44 -25.56
C ILE C 50 -21.46 3.80 -25.68
N LYS C 51 -20.44 4.50 -25.19
CA LYS C 51 -19.08 4.01 -25.25
C LYS C 51 -18.74 3.06 -24.10
N MET C 52 -19.56 2.04 -23.97
CA MET C 52 -19.40 1.00 -22.96
C MET C 52 -19.46 -0.32 -23.71
N TRP C 53 -18.43 -1.14 -23.54
CA TRP C 53 -18.35 -2.40 -24.24
C TRP C 53 -18.17 -3.62 -23.34
N ALA C 54 -18.22 -4.78 -23.97
CA ALA C 54 -18.03 -6.04 -23.31
C ALA C 54 -17.55 -7.05 -24.34
N ALA C 55 -16.45 -7.73 -24.02
CA ALA C 55 -15.91 -8.75 -24.90
C ALA C 55 -16.13 -10.07 -24.19
N VAL C 56 -15.98 -11.16 -24.94
CA VAL C 56 -16.17 -12.49 -24.39
C VAL C 56 -15.11 -13.44 -24.93
N ALA C 57 -14.50 -14.20 -24.02
CA ALA C 57 -13.50 -15.19 -24.38
C ALA C 57 -14.28 -16.45 -24.71
N VAL C 58 -13.98 -17.06 -25.85
CA VAL C 58 -14.68 -18.25 -26.26
C VAL C 58 -13.73 -19.38 -26.64
N GLU C 59 -14.19 -20.61 -26.40
CA GLU C 59 -13.43 -21.80 -26.75
C GLU C 59 -13.67 -21.99 -28.24
N SER C 60 -12.58 -21.99 -29.01
CA SER C 60 -12.68 -22.15 -30.45
C SER C 60 -13.14 -23.53 -30.89
N SER C 61 -13.00 -24.53 -29.99
CA SER C 61 -13.42 -25.89 -30.29
C SER C 61 -14.94 -25.91 -30.47
N SER C 62 -15.63 -25.36 -29.48
CA SER C 62 -17.08 -25.24 -29.47
C SER C 62 -17.43 -23.75 -29.48
N GLU C 63 -18.43 -23.36 -28.69
CA GLU C 63 -18.81 -21.96 -28.61
C GLU C 63 -19.15 -21.67 -27.14
N LYS C 64 -18.28 -22.15 -26.27
CA LYS C 64 -18.45 -21.97 -24.84
C LYS C 64 -17.84 -20.65 -24.40
N ILE C 65 -18.67 -19.78 -23.83
CA ILE C 65 -18.23 -18.49 -23.31
C ILE C 65 -17.54 -18.80 -21.98
N ILE C 66 -16.24 -18.61 -21.95
CA ILE C 66 -15.47 -18.89 -20.74
C ILE C 66 -14.96 -17.63 -20.04
N GLY C 67 -15.02 -16.49 -20.72
CA GLY C 67 -14.54 -15.25 -20.14
C GLY C 67 -15.39 -14.03 -20.46
N MET C 68 -15.22 -13.01 -19.65
CA MET C 68 -15.94 -11.75 -19.77
C MET C 68 -15.07 -10.56 -19.37
N ILE C 69 -15.21 -9.46 -20.10
CA ILE C 69 -14.48 -8.23 -19.80
C ILE C 69 -15.33 -7.03 -20.19
N ASN C 70 -15.72 -6.25 -19.19
CA ASN C 70 -16.54 -5.06 -19.39
C ASN C 70 -15.65 -3.84 -19.23
N PHE C 71 -15.75 -2.92 -20.17
CA PHE C 71 -14.95 -1.69 -20.16
C PHE C 71 -15.68 -0.52 -20.80
N PHE C 72 -15.26 0.68 -20.45
CA PHE C 72 -15.89 1.87 -20.99
C PHE C 72 -14.94 3.05 -21.12
N ASN C 73 -15.41 4.06 -21.86
CA ASN C 73 -14.66 5.27 -22.10
C ASN C 73 -15.07 6.39 -21.14
N HIS C 74 -14.10 7.19 -20.72
CA HIS C 74 -14.39 8.33 -19.87
C HIS C 74 -13.32 9.42 -20.02
N MET C 75 -13.69 10.65 -19.69
CA MET C 75 -12.80 11.80 -19.83
C MET C 75 -11.63 11.83 -18.85
N THR C 76 -10.84 12.89 -18.95
CA THR C 76 -9.69 13.12 -18.10
C THR C 76 -9.20 14.53 -18.35
N THR C 77 -8.73 15.19 -17.29
CA THR C 77 -8.25 16.56 -17.39
C THR C 77 -6.78 16.60 -17.75
N TRP C 78 -6.12 15.44 -17.66
CA TRP C 78 -4.69 15.33 -17.94
C TRP C 78 -4.32 15.13 -19.39
N ASP C 79 -5.32 15.03 -20.26
CA ASP C 79 -5.05 14.85 -21.67
C ASP C 79 -6.29 15.08 -22.54
N PHE C 80 -6.05 15.32 -23.83
CA PHE C 80 -7.11 15.54 -24.80
C PHE C 80 -7.81 14.22 -25.07
N LYS C 81 -7.04 13.14 -24.98
CA LYS C 81 -7.56 11.78 -25.21
C LYS C 81 -8.23 11.21 -23.99
N ASP C 82 -9.40 10.61 -24.20
CA ASP C 82 -10.14 9.97 -23.12
C ASP C 82 -9.42 8.68 -22.73
N LYS C 83 -9.88 8.07 -21.64
CA LYS C 83 -9.27 6.84 -21.16
C LYS C 83 -10.31 5.73 -21.18
N ILE C 84 -9.80 4.49 -21.11
CA ILE C 84 -10.65 3.31 -21.08
C ILE C 84 -10.43 2.70 -19.70
N TYR C 85 -11.52 2.39 -19.02
CA TYR C 85 -11.47 1.78 -17.72
C TYR C 85 -12.05 0.38 -17.83
N ILE C 86 -11.30 -0.61 -17.40
CA ILE C 86 -11.78 -1.99 -17.41
C ILE C 86 -12.47 -2.13 -16.06
N ASN C 87 -13.78 -2.15 -16.08
CA ASN C 87 -14.58 -2.25 -14.85
C ASN C 87 -14.64 -3.68 -14.30
N ASP C 88 -14.90 -4.65 -15.16
CA ASP C 88 -15.03 -6.06 -14.75
C ASP C 88 -14.19 -7.02 -15.57
N LEU C 89 -13.89 -8.17 -14.97
CA LEU C 89 -13.09 -9.22 -15.61
C LEU C 89 -13.30 -10.52 -14.84
N TYR C 90 -13.75 -11.55 -15.53
CA TYR C 90 -13.99 -12.84 -14.91
C TYR C 90 -13.80 -13.98 -15.88
N VAL C 91 -12.93 -14.91 -15.52
CA VAL C 91 -12.68 -16.07 -16.35
C VAL C 91 -13.28 -17.28 -15.63
N ASP C 92 -13.90 -18.15 -16.43
CA ASP C 92 -14.54 -19.37 -15.96
C ASP C 92 -13.59 -20.10 -15.01
N GLU C 93 -14.07 -20.44 -13.82
CA GLU C 93 -13.27 -21.10 -12.79
C GLU C 93 -12.54 -22.36 -13.24
N ASN C 94 -13.04 -23.01 -14.29
CA ASN C 94 -12.43 -24.23 -14.82
C ASN C 94 -11.56 -23.96 -16.04
N SER C 95 -11.64 -22.74 -16.55
CA SER C 95 -10.87 -22.33 -17.73
C SER C 95 -9.75 -21.35 -17.38
N ARG C 96 -9.38 -21.30 -16.11
CA ARG C 96 -8.31 -20.40 -15.67
C ARG C 96 -6.90 -20.92 -15.94
N VAL C 97 -5.96 -19.98 -16.04
CA VAL C 97 -4.54 -20.25 -16.30
C VAL C 97 -4.32 -20.87 -17.69
N LYS C 98 -5.23 -20.54 -18.61
CA LYS C 98 -5.18 -21.00 -19.99
C LYS C 98 -4.75 -19.83 -20.89
N GLY C 99 -4.82 -18.61 -20.35
CA GLY C 99 -4.45 -17.43 -21.09
C GLY C 99 -5.63 -16.55 -21.45
N ALA C 100 -6.82 -16.94 -21.01
CA ALA C 100 -8.03 -16.17 -21.30
C ALA C 100 -7.99 -14.75 -20.75
N GLY C 101 -7.53 -14.61 -19.50
CA GLY C 101 -7.44 -13.29 -18.90
C GLY C 101 -6.50 -12.40 -19.67
N GLY C 102 -5.31 -12.92 -19.98
CA GLY C 102 -4.33 -12.15 -20.72
C GLY C 102 -4.88 -11.71 -22.06
N LYS C 103 -5.64 -12.61 -22.70
CA LYS C 103 -6.24 -12.34 -23.99
C LYS C 103 -7.34 -11.29 -23.92
N LEU C 104 -8.15 -11.35 -22.85
CA LEU C 104 -9.23 -10.39 -22.66
C LEU C 104 -8.67 -8.96 -22.51
N ILE C 105 -7.62 -8.82 -21.70
CA ILE C 105 -7.00 -7.52 -21.49
C ILE C 105 -6.31 -7.03 -22.77
N GLN C 106 -5.65 -7.96 -23.47
CA GLN C 106 -4.95 -7.61 -24.71
C GLN C 106 -5.93 -7.09 -25.75
N PHE C 107 -7.12 -7.69 -25.79
CA PHE C 107 -8.20 -7.33 -26.71
C PHE C 107 -8.65 -5.89 -26.47
N VAL C 108 -8.76 -5.51 -25.19
CA VAL C 108 -9.17 -4.17 -24.82
C VAL C 108 -8.10 -3.18 -25.32
N TYR C 109 -6.84 -3.53 -25.10
CA TYR C 109 -5.70 -2.70 -25.53
C TYR C 109 -5.80 -2.38 -27.02
N ASP C 110 -5.98 -3.44 -27.81
CA ASP C 110 -6.08 -3.31 -29.26
C ASP C 110 -7.30 -2.50 -29.70
N GLU C 111 -8.44 -2.73 -29.05
CA GLU C 111 -9.65 -1.99 -29.38
C GLU C 111 -9.54 -0.53 -28.95
N ALA C 112 -8.84 -0.30 -27.85
CA ALA C 112 -8.64 1.05 -27.32
C ALA C 112 -7.71 1.84 -28.23
N ASP C 113 -6.70 1.16 -28.77
CA ASP C 113 -5.74 1.78 -29.68
C ASP C 113 -6.43 2.25 -30.97
N LYS C 114 -7.35 1.42 -31.46
CA LYS C 114 -8.10 1.74 -32.66
C LYS C 114 -9.07 2.88 -32.40
N LEU C 115 -9.30 3.18 -31.13
CA LEU C 115 -10.21 4.24 -30.73
C LEU C 115 -9.52 5.56 -30.44
N GLY C 116 -8.19 5.51 -30.39
CA GLY C 116 -7.43 6.73 -30.10
C GLY C 116 -7.38 7.02 -28.61
N THR C 117 -7.76 6.03 -27.80
CA THR C 117 -7.75 6.15 -26.35
C THR C 117 -6.95 4.97 -25.79
N PRO C 118 -5.63 4.94 -26.05
CA PRO C 118 -4.75 3.87 -25.59
C PRO C 118 -4.58 3.74 -24.08
N SER C 119 -4.80 4.81 -23.34
CA SER C 119 -4.66 4.77 -21.90
C SER C 119 -5.74 3.90 -21.25
N VAL C 120 -5.33 2.69 -20.86
CA VAL C 120 -6.23 1.75 -20.22
C VAL C 120 -5.78 1.49 -18.77
N TYR C 121 -6.75 1.40 -17.86
CA TYR C 121 -6.46 1.14 -16.46
C TYR C 121 -7.61 0.42 -15.78
N TRP C 122 -7.31 -0.14 -14.61
CA TRP C 122 -8.29 -0.88 -13.83
C TRP C 122 -7.74 -0.96 -12.42
N CYS C 123 -8.59 -1.34 -11.47
CA CYS C 123 -8.17 -1.50 -10.09
C CYS C 123 -8.61 -2.88 -9.61
N THR C 124 -8.10 -3.29 -8.45
CA THR C 124 -8.44 -4.60 -7.92
C THR C 124 -8.16 -4.61 -6.42
N ASP C 125 -8.76 -5.57 -5.71
CA ASP C 125 -8.55 -5.67 -4.28
C ASP C 125 -7.08 -5.94 -4.01
N GLU C 126 -6.54 -5.30 -2.98
CA GLU C 126 -5.15 -5.46 -2.63
C GLU C 126 -4.79 -6.90 -2.30
N SER C 127 -5.77 -7.66 -1.82
CA SER C 127 -5.57 -9.07 -1.47
C SER C 127 -5.76 -10.03 -2.64
N ASN C 128 -6.13 -9.51 -3.81
CA ASN C 128 -6.34 -10.36 -4.99
C ASN C 128 -5.02 -10.70 -5.69
N HIS C 129 -4.25 -11.59 -5.08
CA HIS C 129 -2.95 -11.99 -5.60
C HIS C 129 -3.03 -12.87 -6.84
N ARG C 130 -4.15 -13.57 -6.99
CA ARG C 130 -4.35 -14.43 -8.15
C ARG C 130 -4.45 -13.60 -9.43
N ALA C 131 -5.24 -12.52 -9.38
CA ALA C 131 -5.42 -11.65 -10.54
C ALA C 131 -4.18 -10.80 -10.81
N GLN C 132 -3.53 -10.34 -9.74
CA GLN C 132 -2.31 -9.53 -9.86
C GLN C 132 -1.11 -10.27 -10.44
N LEU C 133 -1.16 -11.60 -10.37
CA LEU C 133 -0.11 -12.46 -10.91
C LEU C 133 -0.13 -12.24 -12.42
N LEU C 134 -1.32 -11.89 -12.93
CA LEU C 134 -1.55 -11.60 -14.34
C LEU C 134 -1.31 -10.12 -14.64
N TYR C 135 -1.95 -9.25 -13.86
CA TYR C 135 -1.86 -7.81 -14.02
C TYR C 135 -0.42 -7.28 -14.04
N VAL C 136 0.42 -7.87 -13.20
CA VAL C 136 1.81 -7.45 -13.11
C VAL C 136 2.58 -7.76 -14.40
N LYS C 137 2.01 -8.62 -15.24
CA LYS C 137 2.61 -9.00 -16.51
C LYS C 137 2.14 -8.14 -17.68
N VAL C 138 0.91 -7.64 -17.61
CA VAL C 138 0.35 -6.81 -18.67
C VAL C 138 0.18 -5.35 -18.26
N GLY C 139 0.50 -5.04 -17.00
CA GLY C 139 0.36 -3.68 -16.53
C GLY C 139 1.36 -3.36 -15.44
N TYR C 140 1.19 -2.21 -14.83
CA TYR C 140 2.07 -1.81 -13.74
C TYR C 140 1.24 -1.13 -12.65
N LYS C 141 1.53 -1.49 -11.41
CA LYS C 141 0.84 -0.94 -10.26
C LYS C 141 1.21 0.53 -10.05
N ALA C 142 0.20 1.40 -10.12
CA ALA C 142 0.40 2.83 -9.90
C ALA C 142 0.60 3.08 -8.41
N PRO C 143 1.57 3.93 -8.03
CA PRO C 143 1.86 4.23 -6.62
C PRO C 143 0.79 5.15 -6.02
N LYS C 144 -0.47 4.80 -6.24
CA LYS C 144 -1.59 5.60 -5.78
C LYS C 144 -2.55 4.88 -4.84
N ILE C 145 -3.28 5.69 -4.07
CA ILE C 145 -4.27 5.21 -3.12
C ILE C 145 -5.62 5.76 -3.53
N LEU C 146 -6.62 4.91 -3.54
CA LEU C 146 -7.96 5.32 -3.91
C LEU C 146 -8.80 5.67 -2.68
N TYR C 147 -9.61 6.72 -2.82
CA TYR C 147 -10.50 7.17 -1.76
C TYR C 147 -11.92 7.25 -2.28
N LYS C 148 -12.88 6.94 -1.42
CA LYS C 148 -14.29 6.99 -1.78
C LYS C 148 -15.01 7.87 -0.78
N ARG C 149 -16.13 8.45 -1.21
CA ARG C 149 -16.94 9.30 -0.34
C ARG C 149 -17.55 8.44 0.77
N LYS C 150 -17.55 8.96 1.99
CA LYS C 150 -18.10 8.26 3.16
C LYS C 150 -19.50 7.70 2.89
N GLY C 151 -19.66 6.39 3.02
CA GLY C 151 -20.95 5.78 2.79
C GLY C 151 -21.09 5.10 1.43
N TYR C 152 -20.37 5.61 0.44
CA TYR C 152 -20.41 5.06 -0.91
C TYR C 152 -19.17 4.20 -1.22
N SER D 1 -10.63 37.50 12.13
CA SER D 1 -9.88 36.22 12.31
C SER D 1 -10.34 35.11 11.37
N GLU D 2 -11.55 34.59 11.59
CA GLU D 2 -12.12 33.51 10.77
C GLU D 2 -11.97 33.81 9.28
N ASP D 3 -11.42 32.84 8.55
CA ASP D 3 -11.19 32.96 7.12
C ASP D 3 -12.40 33.33 6.27
N ASN D 4 -13.35 32.42 6.19
CA ASN D 4 -14.56 32.61 5.39
C ASN D 4 -14.22 32.65 3.90
N ILE D 5 -14.26 31.46 3.31
CA ILE D 5 -13.97 31.22 1.92
C ILE D 5 -15.26 30.73 1.28
N THR D 6 -15.48 31.14 0.05
CA THR D 6 -16.68 30.72 -0.67
C THR D 6 -16.24 29.87 -1.87
N VAL D 7 -17.02 28.83 -2.16
CA VAL D 7 -16.72 27.94 -3.29
C VAL D 7 -17.83 28.02 -4.33
N ARG D 8 -17.45 28.12 -5.60
CA ARG D 8 -18.42 28.21 -6.69
C ARG D 8 -17.85 27.78 -8.02
N PHE D 9 -18.75 27.43 -8.93
CA PHE D 9 -18.36 27.02 -10.29
C PHE D 9 -17.63 28.15 -10.99
N VAL D 10 -16.67 27.78 -11.82
CA VAL D 10 -15.90 28.76 -12.58
C VAL D 10 -16.78 29.45 -13.65
N THR D 11 -16.37 30.65 -14.04
CA THR D 11 -17.04 31.43 -15.09
C THR D 11 -15.90 31.82 -16.04
N GLU D 12 -16.22 32.42 -17.17
CA GLU D 12 -15.17 32.83 -18.11
C GLU D 12 -14.15 33.77 -17.46
N ASN D 13 -14.62 34.54 -16.48
CA ASN D 13 -13.78 35.50 -15.77
C ASN D 13 -12.74 34.86 -14.86
N ASP D 14 -13.01 33.63 -14.44
CA ASP D 14 -12.12 32.90 -13.56
C ASP D 14 -10.95 32.24 -14.26
N LYS D 15 -10.99 32.21 -15.58
CA LYS D 15 -9.94 31.59 -16.38
C LYS D 15 -8.51 31.88 -15.93
N GLU D 16 -8.14 33.16 -15.91
CA GLU D 16 -6.79 33.57 -15.52
C GLU D 16 -6.32 33.00 -14.18
N GLY D 17 -7.21 33.04 -13.19
CA GLY D 17 -6.90 32.53 -11.86
C GLY D 17 -6.79 31.02 -11.81
N TRP D 18 -7.80 30.34 -12.35
CA TRP D 18 -7.82 28.87 -12.37
C TRP D 18 -6.55 28.34 -13.02
N GLN D 19 -6.16 28.95 -14.13
CA GLN D 19 -4.97 28.53 -14.86
C GLN D 19 -3.71 28.73 -14.03
N ARG D 20 -3.68 29.78 -13.22
CA ARG D 20 -2.53 30.04 -12.38
C ARG D 20 -2.37 28.86 -11.43
N LEU D 21 -3.49 28.41 -10.87
CA LEU D 21 -3.49 27.28 -9.94
C LEU D 21 -3.17 25.99 -10.66
N TRP D 22 -3.72 25.84 -11.88
CA TRP D 22 -3.49 24.66 -12.72
C TRP D 22 -1.99 24.48 -12.93
N LYS D 23 -1.29 25.58 -13.19
CA LYS D 23 0.15 25.56 -13.41
C LYS D 23 0.91 25.15 -12.14
N SER D 24 0.50 25.70 -11.00
CA SER D 24 1.13 25.40 -9.72
C SER D 24 0.94 23.93 -9.40
N TYR D 25 -0.27 23.45 -9.69
CA TYR D 25 -0.65 22.07 -9.48
C TYR D 25 0.29 21.15 -10.28
N GLN D 26 0.66 21.58 -11.48
CA GLN D 26 1.57 20.81 -12.34
C GLN D 26 2.99 20.83 -11.77
N ASP D 27 3.40 21.97 -11.22
CA ASP D 27 4.73 22.10 -10.64
C ASP D 27 4.83 21.15 -9.45
N PHE D 28 3.72 21.01 -8.74
CA PHE D 28 3.64 20.15 -7.58
C PHE D 28 3.81 18.70 -8.04
N TYR D 29 3.06 18.31 -9.06
CA TYR D 29 3.14 16.95 -9.58
C TYR D 29 4.40 16.71 -10.41
N GLU D 30 5.17 17.78 -10.64
CA GLU D 30 6.40 17.72 -11.43
C GLU D 30 6.13 17.28 -12.87
N VAL D 31 5.01 17.77 -13.41
CA VAL D 31 4.63 17.46 -14.79
C VAL D 31 4.52 18.78 -15.55
N SER D 32 4.31 18.69 -16.86
CA SER D 32 4.19 19.88 -17.69
C SER D 32 3.24 19.62 -18.85
N PHE D 33 2.04 20.17 -18.74
CA PHE D 33 1.01 19.99 -19.77
C PHE D 33 1.06 21.15 -20.76
N PRO D 34 0.78 20.87 -22.04
CA PRO D 34 0.79 21.94 -23.04
C PRO D 34 -0.28 22.97 -22.66
N ASP D 35 -0.05 24.24 -22.97
CA ASP D 35 -1.02 25.29 -22.64
C ASP D 35 -2.38 25.05 -23.30
N ASP D 36 -2.37 24.24 -24.36
CA ASP D 36 -3.59 23.89 -25.09
C ASP D 36 -4.58 23.11 -24.26
N LEU D 37 -4.07 22.26 -23.37
CA LEU D 37 -4.92 21.44 -22.50
C LEU D 37 -5.69 22.28 -21.49
N ASP D 38 -5.05 23.36 -21.02
CA ASP D 38 -5.67 24.28 -20.07
C ASP D 38 -6.92 24.86 -20.71
N ASP D 39 -6.78 25.26 -21.98
CA ASP D 39 -7.87 25.83 -22.75
C ASP D 39 -8.98 24.82 -22.99
N PHE D 40 -8.60 23.56 -23.27
CA PHE D 40 -9.57 22.49 -23.51
C PHE D 40 -10.38 22.18 -22.26
N ASN D 41 -9.68 22.08 -21.13
CA ASN D 41 -10.34 21.79 -19.87
C ASN D 41 -11.34 22.89 -19.54
N PHE D 42 -10.90 24.14 -19.65
CA PHE D 42 -11.78 25.26 -19.35
C PHE D 42 -12.94 25.30 -20.33
N GLY D 43 -12.68 24.84 -21.56
CA GLY D 43 -13.71 24.81 -22.57
C GLY D 43 -14.81 23.84 -22.16
N ARG D 44 -14.40 22.69 -21.63
CA ARG D 44 -15.34 21.66 -21.19
C ARG D 44 -16.10 22.04 -19.91
N PHE D 45 -15.42 22.73 -18.99
CA PHE D 45 -16.03 23.17 -17.73
C PHE D 45 -17.23 24.06 -18.04
N LEU D 46 -16.99 25.05 -18.89
CA LEU D 46 -18.00 26.03 -19.30
C LEU D 46 -19.10 25.49 -20.19
N ASP D 47 -18.85 24.35 -20.84
CA ASP D 47 -19.84 23.73 -21.72
C ASP D 47 -20.81 22.85 -20.91
N PRO D 48 -22.05 23.31 -20.73
CA PRO D 48 -23.09 22.60 -19.97
C PRO D 48 -23.48 21.23 -20.54
N ASN D 49 -23.17 20.98 -21.80
CA ASN D 49 -23.50 19.69 -22.42
C ASN D 49 -22.39 18.65 -22.24
N ILE D 50 -21.30 19.05 -21.59
CA ILE D 50 -20.18 18.17 -21.32
C ILE D 50 -20.07 18.07 -19.80
N LYS D 51 -20.33 16.87 -19.29
CA LYS D 51 -20.32 16.55 -17.87
C LYS D 51 -18.97 16.65 -17.16
N MET D 52 -18.27 17.76 -17.36
CA MET D 52 -16.99 18.02 -16.73
C MET D 52 -17.10 19.41 -16.12
N TRP D 53 -16.84 19.52 -14.82
CA TRP D 53 -16.95 20.80 -14.15
C TRP D 53 -15.71 21.22 -13.39
N ALA D 54 -15.74 22.46 -12.91
CA ALA D 54 -14.65 23.00 -12.12
C ALA D 54 -15.21 24.05 -11.17
N ALA D 55 -14.84 23.92 -9.91
CA ALA D 55 -15.25 24.88 -8.90
C ALA D 55 -13.96 25.57 -8.48
N VAL D 56 -14.12 26.73 -7.85
CA VAL D 56 -12.97 27.49 -7.42
C VAL D 56 -13.23 28.08 -6.03
N ALA D 57 -12.20 28.12 -5.19
CA ALA D 57 -12.31 28.68 -3.84
C ALA D 57 -11.85 30.11 -3.85
N VAL D 58 -12.73 30.99 -3.41
CA VAL D 58 -12.45 32.41 -3.40
C VAL D 58 -12.53 33.02 -2.01
N GLU D 59 -11.69 34.02 -1.76
CA GLU D 59 -11.68 34.74 -0.48
C GLU D 59 -12.92 35.61 -0.45
N SER D 60 -13.61 35.65 0.69
CA SER D 60 -14.81 36.46 0.82
C SER D 60 -14.50 37.96 0.75
N SER D 61 -13.36 38.36 1.32
CA SER D 61 -12.94 39.76 1.32
C SER D 61 -12.76 40.21 -0.14
N SER D 62 -11.62 39.84 -0.72
CA SER D 62 -11.31 40.14 -2.10
C SER D 62 -11.67 38.87 -2.87
N GLU D 63 -12.27 39.02 -4.04
CA GLU D 63 -12.64 37.84 -4.82
C GLU D 63 -11.42 37.15 -5.42
N LYS D 64 -10.38 36.97 -4.61
CA LYS D 64 -9.14 36.33 -5.01
C LYS D 64 -9.30 34.80 -4.99
N ILE D 65 -8.88 34.16 -6.08
CA ILE D 65 -8.97 32.71 -6.21
C ILE D 65 -7.79 32.04 -5.50
N ILE D 66 -8.10 31.12 -4.59
CA ILE D 66 -7.08 30.42 -3.80
C ILE D 66 -7.17 28.90 -3.88
N GLY D 67 -8.24 28.39 -4.47
CA GLY D 67 -8.41 26.95 -4.56
C GLY D 67 -9.06 26.51 -5.86
N MET D 68 -8.83 25.26 -6.23
CA MET D 68 -9.37 24.71 -7.46
C MET D 68 -9.73 23.24 -7.29
N ILE D 69 -10.80 22.82 -7.95
CA ILE D 69 -11.23 21.44 -7.94
C ILE D 69 -11.90 21.12 -9.28
N ASN D 70 -11.31 20.17 -10.01
CA ASN D 70 -11.82 19.74 -11.30
C ASN D 70 -12.39 18.33 -11.15
N PHE D 71 -13.62 18.14 -11.62
CA PHE D 71 -14.28 16.84 -11.52
C PHE D 71 -15.19 16.57 -12.70
N PHE D 72 -15.57 15.31 -12.89
CA PHE D 72 -16.45 14.95 -14.01
C PHE D 72 -17.29 13.69 -13.77
N ASN D 73 -18.30 13.52 -14.61
CA ASN D 73 -19.21 12.38 -14.51
C ASN D 73 -18.87 11.27 -15.51
N HIS D 74 -18.91 10.03 -15.03
CA HIS D 74 -18.68 8.87 -15.89
C HIS D 74 -19.50 7.66 -15.47
N MET D 75 -19.67 6.73 -16.39
CA MET D 75 -20.45 5.52 -16.15
C MET D 75 -19.79 4.53 -15.19
N THR D 76 -20.53 3.46 -14.91
CA THR D 76 -20.11 2.38 -14.03
C THR D 76 -21.04 1.21 -14.32
N THR D 77 -20.48 0.03 -14.52
CA THR D 77 -21.28 -1.16 -14.78
C THR D 77 -21.93 -1.69 -13.50
N TRP D 78 -21.52 -1.12 -12.37
CA TRP D 78 -22.04 -1.55 -11.07
C TRP D 78 -23.33 -0.86 -10.62
N ASP D 79 -23.83 0.09 -11.40
CA ASP D 79 -25.05 0.82 -11.03
C ASP D 79 -25.72 1.50 -12.24
N PHE D 80 -26.99 1.85 -12.07
CA PHE D 80 -27.77 2.52 -13.12
C PHE D 80 -27.29 3.96 -13.24
N LYS D 81 -27.03 4.57 -12.09
CA LYS D 81 -26.57 5.95 -12.01
C LYS D 81 -25.07 6.02 -12.29
N ASP D 82 -24.63 7.16 -12.83
CA ASP D 82 -23.21 7.34 -13.10
C ASP D 82 -22.57 7.76 -11.77
N LYS D 83 -21.28 8.11 -11.80
CA LYS D 83 -20.60 8.52 -10.59
C LYS D 83 -19.72 9.73 -10.91
N ILE D 84 -19.10 10.31 -9.88
CA ILE D 84 -18.25 11.48 -10.07
C ILE D 84 -16.81 11.25 -9.62
N TYR D 85 -15.88 11.76 -10.42
CA TYR D 85 -14.47 11.62 -10.14
C TYR D 85 -13.82 12.99 -9.98
N ILE D 86 -13.21 13.20 -8.81
CA ILE D 86 -12.50 14.44 -8.55
C ILE D 86 -11.13 14.16 -9.11
N ASN D 87 -10.83 14.79 -10.25
CA ASN D 87 -9.56 14.60 -10.92
C ASN D 87 -8.46 15.44 -10.32
N ASP D 88 -8.76 16.69 -10.01
CA ASP D 88 -7.76 17.61 -9.45
C ASP D 88 -8.27 18.42 -8.27
N LEU D 89 -7.32 18.78 -7.41
CA LEU D 89 -7.59 19.57 -6.21
C LEU D 89 -6.30 20.28 -5.82
N TYR D 90 -6.37 21.60 -5.72
CA TYR D 90 -5.20 22.37 -5.35
C TYR D 90 -5.61 23.62 -4.61
N VAL D 91 -4.85 23.94 -3.58
CA VAL D 91 -5.07 25.13 -2.76
C VAL D 91 -3.71 25.83 -2.65
N ASP D 92 -3.71 27.15 -2.87
CA ASP D 92 -2.47 27.94 -2.78
C ASP D 92 -1.70 27.65 -1.50
N GLU D 93 -0.39 27.59 -1.61
CA GLU D 93 0.47 27.32 -0.46
C GLU D 93 0.15 28.19 0.75
N ASN D 94 -0.05 29.49 0.51
CA ASN D 94 -0.33 30.46 1.57
C ASN D 94 -1.79 30.52 2.04
N SER D 95 -2.61 29.60 1.55
CA SER D 95 -4.01 29.55 1.92
C SER D 95 -4.39 28.17 2.46
N ARG D 96 -3.38 27.34 2.73
CA ARG D 96 -3.63 26.00 3.23
C ARG D 96 -3.92 25.93 4.72
N VAL D 97 -4.53 24.83 5.13
CA VAL D 97 -4.90 24.60 6.53
C VAL D 97 -5.86 25.67 7.06
N LYS D 98 -6.71 26.17 6.15
CA LYS D 98 -7.72 27.18 6.48
C LYS D 98 -9.12 26.69 6.07
N GLY D 99 -9.23 25.37 5.85
CA GLY D 99 -10.49 24.76 5.47
C GLY D 99 -10.90 24.80 4.02
N ALA D 100 -10.07 25.41 3.16
CA ALA D 100 -10.35 25.50 1.73
C ALA D 100 -10.50 24.14 1.04
N GLY D 101 -9.50 23.27 1.25
CA GLY D 101 -9.52 21.94 0.65
C GLY D 101 -10.79 21.18 0.94
N GLY D 102 -11.18 21.13 2.21
CA GLY D 102 -12.37 20.42 2.61
C GLY D 102 -13.64 21.00 2.00
N LYS D 103 -13.75 22.34 1.96
CA LYS D 103 -14.92 22.99 1.39
C LYS D 103 -15.10 22.67 -0.10
N LEU D 104 -13.98 22.57 -0.81
CA LEU D 104 -14.01 22.24 -2.23
C LEU D 104 -14.58 20.83 -2.43
N ILE D 105 -14.09 19.86 -1.65
CA ILE D 105 -14.59 18.48 -1.77
C ILE D 105 -16.06 18.40 -1.39
N GLN D 106 -16.45 19.20 -0.40
CA GLN D 106 -17.83 19.25 0.08
C GLN D 106 -18.77 19.84 -0.97
N PHE D 107 -18.27 20.80 -1.74
CA PHE D 107 -19.05 21.42 -2.82
C PHE D 107 -19.36 20.36 -3.87
N VAL D 108 -18.38 19.52 -4.19
CA VAL D 108 -18.56 18.46 -5.18
C VAL D 108 -19.59 17.46 -4.69
N TYR D 109 -19.56 17.16 -3.40
CA TYR D 109 -20.50 16.22 -2.78
C TYR D 109 -21.92 16.72 -2.98
N ASP D 110 -22.15 17.99 -2.67
CA ASP D 110 -23.46 18.61 -2.79
C ASP D 110 -23.96 18.58 -4.23
N GLU D 111 -23.09 18.96 -5.16
CA GLU D 111 -23.45 18.96 -6.57
C GLU D 111 -23.75 17.55 -7.06
N ALA D 112 -23.03 16.57 -6.52
CA ALA D 112 -23.24 15.17 -6.88
C ALA D 112 -24.62 14.75 -6.38
N ASP D 113 -24.99 15.25 -5.20
CA ASP D 113 -26.30 14.95 -4.63
C ASP D 113 -27.39 15.53 -5.52
N LYS D 114 -27.16 16.76 -6.01
CA LYS D 114 -28.11 17.44 -6.89
C LYS D 114 -28.26 16.76 -8.26
N LEU D 115 -27.16 16.21 -8.77
CA LEU D 115 -27.13 15.54 -10.06
C LEU D 115 -27.71 14.12 -10.06
N GLY D 116 -27.97 13.58 -8.88
CA GLY D 116 -28.48 12.23 -8.81
C GLY D 116 -27.35 11.22 -8.89
N THR D 117 -26.12 11.69 -8.73
CA THR D 117 -24.93 10.85 -8.77
C THR D 117 -24.03 11.18 -7.56
N PRO D 118 -24.46 10.77 -6.34
CA PRO D 118 -23.78 10.99 -5.06
C PRO D 118 -22.45 10.25 -4.85
N SER D 119 -22.24 9.17 -5.60
CA SER D 119 -21.01 8.40 -5.47
C SER D 119 -19.80 9.14 -6.04
N VAL D 120 -19.09 9.85 -5.16
CA VAL D 120 -17.89 10.61 -5.52
C VAL D 120 -16.64 9.87 -5.05
N TYR D 121 -15.58 9.92 -5.85
CA TYR D 121 -14.33 9.25 -5.50
C TYR D 121 -13.15 9.95 -6.17
N TRP D 122 -11.95 9.63 -5.71
CA TRP D 122 -10.73 10.21 -6.25
C TRP D 122 -9.55 9.32 -5.86
N CYS D 123 -8.35 9.74 -6.22
CA CYS D 123 -7.14 9.01 -5.87
C CYS D 123 -6.03 10.03 -5.67
N THR D 124 -5.04 9.65 -4.89
CA THR D 124 -3.91 10.52 -4.61
C THR D 124 -2.66 9.68 -4.61
N ASP D 125 -1.51 10.34 -4.66
CA ASP D 125 -0.25 9.64 -4.63
C ASP D 125 -0.08 9.07 -3.23
N GLU D 126 0.31 7.81 -3.15
CA GLU D 126 0.51 7.12 -1.87
C GLU D 126 1.35 7.90 -0.86
N SER D 127 2.32 8.67 -1.36
CA SER D 127 3.20 9.46 -0.52
C SER D 127 2.67 10.84 -0.16
N ASN D 128 1.48 11.17 -0.64
CA ASN D 128 0.86 12.47 -0.38
C ASN D 128 0.12 12.45 0.97
N HIS D 129 0.88 12.61 2.03
CA HIS D 129 0.33 12.59 3.39
C HIS D 129 -0.38 13.89 3.75
N ARG D 130 0.15 15.00 3.24
CA ARG D 130 -0.43 16.31 3.46
C ARG D 130 -1.90 16.29 3.03
N ALA D 131 -2.16 15.67 1.88
CA ALA D 131 -3.51 15.57 1.33
C ALA D 131 -4.37 14.51 2.05
N GLN D 132 -3.81 13.33 2.27
CA GLN D 132 -4.54 12.25 2.93
C GLN D 132 -4.97 12.63 4.35
N LEU D 133 -4.29 13.64 4.90
CA LEU D 133 -4.57 14.18 6.23
C LEU D 133 -5.99 14.75 6.22
N LEU D 134 -6.44 15.12 5.02
CA LEU D 134 -7.77 15.67 4.78
C LEU D 134 -8.73 14.62 4.22
N TYR D 135 -8.23 13.80 3.29
CA TYR D 135 -9.06 12.76 2.68
C TYR D 135 -9.65 11.78 3.68
N VAL D 136 -8.90 11.45 4.73
CA VAL D 136 -9.38 10.52 5.76
C VAL D 136 -10.58 11.11 6.52
N LYS D 137 -10.71 12.43 6.49
CA LYS D 137 -11.81 13.12 7.14
C LYS D 137 -13.07 13.14 6.30
N VAL D 138 -12.92 13.40 4.99
CA VAL D 138 -14.07 13.48 4.07
C VAL D 138 -14.36 12.20 3.30
N GLY D 139 -13.45 11.23 3.34
CA GLY D 139 -13.66 9.98 2.65
C GLY D 139 -12.95 8.83 3.34
N TYR D 140 -12.81 7.70 2.65
CA TYR D 140 -12.12 6.57 3.23
C TYR D 140 -11.26 5.84 2.20
N LYS D 141 -10.10 5.38 2.66
CA LYS D 141 -9.14 4.67 1.83
C LYS D 141 -9.70 3.30 1.46
N ALA D 142 -10.03 3.13 0.20
CA ALA D 142 -10.55 1.87 -0.29
C ALA D 142 -9.38 0.88 -0.32
N PRO D 143 -9.64 -0.42 -0.15
CA PRO D 143 -8.62 -1.47 -0.15
C PRO D 143 -8.30 -1.94 -1.56
N LYS D 144 -8.08 -0.99 -2.47
CA LYS D 144 -7.81 -1.29 -3.88
C LYS D 144 -6.42 -0.85 -4.34
N ILE D 145 -5.90 -1.53 -5.34
CA ILE D 145 -4.60 -1.23 -5.95
C ILE D 145 -4.89 -0.79 -7.38
N LEU D 146 -4.35 0.35 -7.79
CA LEU D 146 -4.56 0.85 -9.12
C LEU D 146 -3.54 0.31 -10.13
N TYR D 147 -4.05 -0.23 -11.24
CA TYR D 147 -3.21 -0.78 -12.31
C TYR D 147 -3.38 -0.05 -13.63
N LYS D 148 -2.26 0.29 -14.24
CA LYS D 148 -2.24 0.98 -15.53
C LYS D 148 -1.49 0.17 -16.58
N ARG D 149 -1.88 0.36 -17.83
CA ARG D 149 -1.27 -0.31 -18.98
C ARG D 149 0.17 0.19 -19.08
N LYS D 150 1.11 -0.71 -19.33
CA LYS D 150 2.53 -0.34 -19.44
C LYS D 150 2.78 0.74 -20.49
N GLY D 151 3.55 1.76 -20.11
CA GLY D 151 3.86 2.85 -21.02
C GLY D 151 2.89 4.01 -20.90
N TYR D 152 1.82 3.82 -20.13
CA TYR D 152 0.81 4.85 -19.92
C TYR D 152 0.63 5.21 -18.45
#